data_7X5E
#
_entry.id   7X5E
#
_cell.length_a   257.547
_cell.length_b   54.840
_cell.length_c   82.274
_cell.angle_alpha   90.000
_cell.angle_beta   96.770
_cell.angle_gamma   90.000
#
_symmetry.space_group_name_H-M   'C 1 2 1'
#
loop_
_entity.id
_entity.type
_entity.pdbx_description
1 polymer 'Transcription factor MafG'
2 polymer 'Nuclear factor erythroid 2-related factor 2'
3 polymer "DNA (5'-D(*GP*TP*TP*GP*CP*TP*GP*AP*CP*TP*CP*AP*TP*CP*AP*T)-3')"
4 polymer "DNA (5'-D(*CP*AP*TP*GP*AP*TP*GP*AP*GP*TP*CP*AP*GP*CP*AP*A)-3')"
5 non-polymer 'HEXAETHYLENE GLYCOL'
6 water water
#
loop_
_entity_poly.entity_id
_entity_poly.type
_entity_poly.pdbx_seq_one_letter_code
_entity_poly.pdbx_strand_id
1 'polypeptide(L)'
;MGTSLTDEELVTMSVRELNQHLRGLSKEEIVQLKQRRRTLKNRGYAASCRVKRVTQKEELEKQKAELQQEVEKLASENAS
MKLELDALRSKYEALQTFARTVAR
;
A,E
2 'polypeptide(L)'
;GPHMAHLTRDELRAKALHIPFPVEKIINLPVVDFNEMMSKEQFNEAQLALIRDIRRRGKNKVAAQNCRKRKLENIVELEQ
DLDHLKDEKEKLLKEKGENDKSLHLLKKQLSTL
;
B,F
3 'polydeoxyribonucleotide' (DG)(DT)(DT)(DG)(DC)(DT)(DG)(DA)(DC)(DT)(DC)(DA)(DT)(DC)(DA)(DT) C,G
4 'polydeoxyribonucleotide' (DC)(DA)(DT)(DG)(DA)(DT)(DG)(DA)(DG)(DT)(DC)(DA)(DG)(DC)(DA)(DA) D,H
#
loop_
_chem_comp.id
_chem_comp.type
_chem_comp.name
_chem_comp.formula
DA DNA linking 2'-DEOXYADENOSINE-5'-MONOPHOSPHATE 'C10 H14 N5 O6 P'
DC DNA linking 2'-DEOXYCYTIDINE-5'-MONOPHOSPHATE 'C9 H14 N3 O7 P'
DG DNA linking 2'-DEOXYGUANOSINE-5'-MONOPHOSPHATE 'C10 H14 N5 O7 P'
DT DNA linking THYMIDINE-5'-MONOPHOSPHATE 'C10 H15 N2 O8 P'
P6G non-polymer 'HEXAETHYLENE GLYCOL' 'C12 H26 O7'
#
# COMPACT_ATOMS: atom_id res chain seq x y z
N SER A 4 51.74 2.18 -11.75
CA SER A 4 50.29 2.14 -11.88
C SER A 4 49.75 3.50 -12.32
N LEU A 5 48.44 3.71 -12.15
CA LEU A 5 47.78 4.93 -12.62
C LEU A 5 46.66 5.29 -11.66
N THR A 6 46.46 6.60 -11.46
CA THR A 6 45.42 7.06 -10.55
C THR A 6 44.07 7.12 -11.27
N ASP A 7 43.02 7.42 -10.50
CA ASP A 7 41.68 7.50 -11.09
C ASP A 7 41.57 8.68 -12.05
N GLU A 8 42.08 9.84 -11.65
CA GLU A 8 41.98 11.03 -12.50
C GLU A 8 42.82 10.90 -13.75
N GLU A 9 44.05 10.36 -13.62
CA GLU A 9 44.90 10.17 -14.79
C GLU A 9 44.25 9.24 -15.81
N LEU A 10 43.49 8.25 -15.35
CA LEU A 10 42.92 7.26 -16.25
C LEU A 10 41.67 7.79 -16.94
N VAL A 11 40.81 8.51 -16.22
CA VAL A 11 39.53 8.91 -16.78
C VAL A 11 39.71 9.97 -17.86
N THR A 12 40.66 10.88 -17.68
CA THR A 12 40.91 11.91 -18.68
C THR A 12 41.78 11.43 -19.83
N MET A 13 42.28 10.20 -19.77
CA MET A 13 43.13 9.65 -20.82
C MET A 13 42.30 9.27 -22.04
N SER A 14 42.72 9.73 -23.21
CA SER A 14 42.10 9.28 -24.45
C SER A 14 42.39 7.79 -24.68
N VAL A 15 41.63 7.18 -25.58
CA VAL A 15 41.88 5.78 -25.93
C VAL A 15 43.27 5.62 -26.51
N ARG A 16 43.67 6.52 -27.40
CA ARG A 16 45.00 6.43 -28.01
C ARG A 16 46.10 6.62 -26.98
N GLU A 17 45.95 7.59 -26.08
CA GLU A 17 46.96 7.81 -25.06
C GLU A 17 47.07 6.63 -24.10
N LEU A 18 45.97 5.92 -23.86
CA LEU A 18 46.02 4.73 -23.03
C LEU A 18 46.88 3.63 -23.65
N ASN A 19 46.98 3.62 -24.99
CA ASN A 19 47.81 2.63 -25.68
C ASN A 19 49.30 2.84 -25.43
N GLN A 20 49.69 3.97 -24.83
CA GLN A 20 51.09 4.23 -24.52
C GLN A 20 51.45 3.84 -23.09
N HIS A 21 50.52 3.24 -22.35
CA HIS A 21 50.75 2.84 -20.97
C HIS A 21 50.54 1.34 -20.79
N LEU A 22 50.94 0.56 -21.80
CA LEU A 22 50.74 -0.89 -21.79
C LEU A 22 52.04 -1.64 -21.56
N ARG A 23 53.09 -0.97 -21.08
CA ARG A 23 54.38 -1.61 -20.88
C ARG A 23 54.29 -2.63 -19.76
N GLY A 24 54.55 -3.89 -20.07
CA GLY A 24 54.61 -4.93 -19.06
C GLY A 24 53.27 -5.42 -18.56
N LEU A 25 52.22 -5.33 -19.36
CA LEU A 25 50.89 -5.74 -18.95
C LEU A 25 50.43 -6.93 -19.78
N SER A 26 49.72 -7.85 -19.13
CA SER A 26 49.16 -9.02 -19.80
C SER A 26 47.93 -8.62 -20.62
N LYS A 27 47.47 -9.56 -21.45
CA LYS A 27 46.26 -9.33 -22.25
C LYS A 27 45.06 -9.09 -21.34
N GLU A 28 44.97 -9.85 -20.24
CA GLU A 28 43.88 -9.63 -19.28
C GLU A 28 44.08 -8.35 -18.49
N GLU A 29 45.33 -7.97 -18.23
CA GLU A 29 45.59 -6.73 -17.50
C GLU A 29 45.22 -5.51 -18.35
N ILE A 30 45.40 -5.58 -19.67
CA ILE A 30 45.00 -4.48 -20.53
C ILE A 30 43.49 -4.39 -20.60
N VAL A 31 42.81 -5.52 -20.75
CA VAL A 31 41.35 -5.52 -20.79
C VAL A 31 40.80 -4.99 -19.47
N GLN A 32 41.40 -5.39 -18.35
CA GLN A 32 40.93 -4.91 -17.05
C GLN A 32 41.22 -3.42 -16.86
N LEU A 33 42.31 -2.93 -17.43
CA LEU A 33 42.62 -1.50 -17.32
C LEU A 33 41.63 -0.66 -18.12
N LYS A 34 41.29 -1.09 -19.35
CA LYS A 34 40.28 -0.39 -20.12
C LYS A 34 38.92 -0.46 -19.43
N GLN A 35 38.55 -1.64 -18.92
CA GLN A 35 37.29 -1.77 -18.19
C GLN A 35 37.28 -0.89 -16.95
N ARG A 36 38.43 -0.70 -16.31
CA ARG A 36 38.51 0.23 -15.18
C ARG A 36 38.29 1.66 -15.64
N ARG A 37 38.84 2.03 -16.81
CA ARG A 37 38.60 3.37 -17.34
C ARG A 37 37.12 3.56 -17.67
N ARG A 38 36.49 2.54 -18.24
CA ARG A 38 35.07 2.63 -18.54
C ARG A 38 34.24 2.81 -17.27
N THR A 39 34.66 2.17 -16.17
CA THR A 39 33.94 2.32 -14.90
C THR A 39 34.08 3.73 -14.35
N LEU A 40 35.29 4.30 -14.39
CA LEU A 40 35.48 5.68 -13.95
C LEU A 40 34.71 6.63 -14.85
N LYS A 41 34.65 6.34 -16.15
CA LYS A 41 33.84 7.15 -17.05
C LYS A 41 32.37 7.11 -16.64
N ASN A 42 31.87 5.91 -16.30
CA ASN A 42 30.48 5.78 -15.89
C ASN A 42 30.22 6.51 -14.58
N ARG A 43 31.20 6.52 -13.67
CA ARG A 43 31.05 7.28 -12.44
C ARG A 43 30.88 8.77 -12.73
N GLY A 44 31.60 9.27 -13.74
CA GLY A 44 31.45 10.67 -14.10
C GLY A 44 30.15 10.96 -14.84
N TYR A 45 29.74 10.04 -15.72
CA TYR A 45 28.45 10.19 -16.39
C TYR A 45 27.31 10.27 -15.38
N ALA A 46 27.34 9.40 -14.36
CA ALA A 46 26.29 9.42 -13.35
C ALA A 46 26.32 10.71 -12.55
N ALA A 47 27.51 11.14 -12.13
CA ALA A 47 27.62 12.39 -11.37
C ALA A 47 27.20 13.59 -12.21
N SER A 48 27.59 13.62 -13.48
CA SER A 48 27.18 14.71 -14.36
C SER A 48 25.67 14.69 -14.59
N CYS A 49 25.09 13.49 -14.67
CA CYS A 49 23.65 13.38 -14.85
C CYS A 49 22.91 13.92 -13.61
N ARG A 50 23.47 13.69 -12.42
CA ARG A 50 22.83 14.20 -11.20
C ARG A 50 23.06 15.69 -11.01
N VAL A 51 24.18 16.22 -11.50
CA VAL A 51 24.41 17.67 -11.40
C VAL A 51 23.37 18.43 -12.19
N LYS A 52 23.07 17.98 -13.41
CA LYS A 52 22.13 18.71 -14.24
C LYS A 52 20.70 18.58 -13.73
N ARG A 53 20.37 17.48 -13.06
CA ARG A 53 19.04 17.36 -12.47
C ARG A 53 18.88 18.27 -11.27
N VAL A 54 19.91 18.33 -10.41
CA VAL A 54 19.89 19.25 -9.28
C VAL A 54 19.87 20.69 -9.78
N THR A 55 20.65 20.98 -10.82
CA THR A 55 20.67 22.33 -11.38
C THR A 55 19.29 22.75 -11.87
N GLN A 56 18.62 21.87 -12.62
CA GLN A 56 17.29 22.17 -13.12
C GLN A 56 16.29 22.36 -11.99
N LYS A 57 16.38 21.52 -10.96
CA LYS A 57 15.42 21.62 -9.86
C LYS A 57 15.61 22.93 -9.09
N GLU A 58 16.85 23.23 -8.70
CA GLU A 58 17.11 24.46 -7.95
C GLU A 58 16.76 25.69 -8.78
N GLU A 59 16.91 25.61 -10.10
CA GLU A 59 16.54 26.73 -10.96
C GLU A 59 15.02 26.89 -11.04
N LEU A 60 14.29 25.77 -11.11
CA LEU A 60 12.84 25.86 -11.10
C LEU A 60 12.33 26.39 -9.76
N GLU A 61 12.93 25.93 -8.66
CA GLU A 61 12.50 26.39 -7.35
C GLU A 61 12.91 27.84 -7.10
N LYS A 62 13.94 28.33 -7.80
CA LYS A 62 14.31 29.73 -7.68
C LYS A 62 13.30 30.64 -8.37
N GLN A 63 12.87 30.26 -9.58
CA GLN A 63 11.85 31.06 -10.27
C GLN A 63 10.52 31.00 -9.53
N LYS A 64 10.19 29.84 -8.95
CA LYS A 64 8.93 29.72 -8.23
C LYS A 64 8.91 30.62 -7.00
N ALA A 65 10.00 30.65 -6.23
CA ALA A 65 10.06 31.49 -5.05
C ALA A 65 10.03 32.96 -5.41
N GLU A 66 10.66 33.33 -6.53
CA GLU A 66 10.65 34.73 -6.97
C GLU A 66 9.25 35.14 -7.41
N LEU A 67 8.57 34.29 -8.18
CA LEU A 67 7.22 34.60 -8.61
C LEU A 67 6.23 34.53 -7.45
N GLN A 68 6.51 33.68 -6.47
CA GLN A 68 5.61 33.54 -5.33
C GLN A 68 5.55 34.83 -4.51
N GLN A 69 6.72 35.36 -4.12
CA GLN A 69 6.76 36.63 -3.41
C GLN A 69 6.32 37.79 -4.30
N GLU A 70 6.48 37.67 -5.62
CA GLU A 70 5.97 38.68 -6.52
C GLU A 70 4.44 38.68 -6.53
N VAL A 71 3.84 37.49 -6.56
CA VAL A 71 2.38 37.39 -6.62
C VAL A 71 1.76 37.79 -5.29
N GLU A 72 2.41 37.43 -4.17
CA GLU A 72 1.87 37.78 -2.86
C GLU A 72 1.90 39.28 -2.61
N LYS A 73 2.93 39.96 -3.11
CA LYS A 73 3.00 41.41 -2.97
C LYS A 73 1.95 42.08 -3.86
N LEU A 74 1.76 41.55 -5.07
CA LEU A 74 0.73 42.06 -5.97
C LEU A 74 -0.66 41.88 -5.37
N ALA A 75 -0.94 40.69 -4.83
CA ALA A 75 -2.25 40.44 -4.24
C ALA A 75 -2.48 41.30 -3.00
N SER A 76 -1.43 41.54 -2.21
CA SER A 76 -1.57 42.35 -1.01
C SER A 76 -1.82 43.81 -1.37
N GLU A 77 -1.03 44.36 -2.30
CA GLU A 77 -1.20 45.74 -2.70
C GLU A 77 -2.50 45.96 -3.46
N ASN A 78 -2.96 44.96 -4.22
CA ASN A 78 -4.22 45.10 -4.93
C ASN A 78 -5.40 45.14 -3.95
N ALA A 79 -5.38 44.29 -2.92
CA ALA A 79 -6.44 44.32 -1.93
C ALA A 79 -6.42 45.62 -1.14
N SER A 80 -5.24 46.08 -0.71
CA SER A 80 -5.13 47.33 0.03
C SER A 80 -5.62 48.50 -0.79
N MET A 81 -5.41 48.46 -2.11
CA MET A 81 -5.86 49.57 -2.95
C MET A 81 -7.33 49.43 -3.32
N LYS A 82 -7.85 48.21 -3.46
CA LYS A 82 -9.27 48.03 -3.71
C LYS A 82 -10.12 48.59 -2.58
N LEU A 83 -9.65 48.46 -1.33
CA LEU A 83 -10.34 49.09 -0.21
C LEU A 83 -10.44 50.59 -0.39
N GLU A 84 -9.34 51.22 -0.79
CA GLU A 84 -9.35 52.67 -0.98
C GLU A 84 -10.24 53.07 -2.16
N LEU A 85 -10.26 52.25 -3.22
CA LEU A 85 -11.10 52.58 -4.36
C LEU A 85 -12.58 52.41 -4.02
N ASP A 86 -12.92 51.39 -3.22
CA ASP A 86 -14.31 51.21 -2.81
C ASP A 86 -14.77 52.33 -1.90
N ALA A 87 -13.91 52.77 -0.97
CA ALA A 87 -14.26 53.89 -0.12
C ALA A 87 -14.43 55.17 -0.94
N LEU A 88 -13.53 55.41 -1.90
CA LEU A 88 -13.65 56.61 -2.73
C LEU A 88 -14.90 56.53 -3.60
N ARG A 89 -15.17 55.38 -4.20
CA ARG A 89 -16.38 55.24 -5.02
C ARG A 89 -17.63 55.37 -4.18
N SER A 90 -17.61 54.84 -2.96
CA SER A 90 -18.76 54.97 -2.06
C SER A 90 -19.04 56.43 -1.74
N LYS A 91 -18.00 57.20 -1.44
CA LYS A 91 -18.18 58.63 -1.20
C LYS A 91 -18.55 59.36 -2.48
N TYR A 92 -18.06 58.89 -3.64
CA TYR A 92 -18.38 59.50 -4.91
C TYR A 92 -19.87 59.36 -5.24
N GLU A 93 -20.44 58.18 -5.00
CA GLU A 93 -21.86 57.97 -5.29
C GLU A 93 -22.75 58.73 -4.33
N ALA A 94 -22.31 58.92 -3.08
CA ALA A 94 -23.07 59.72 -2.14
C ALA A 94 -23.15 61.18 -2.58
N LEU A 95 -22.09 61.69 -3.22
CA LEU A 95 -22.13 63.06 -3.72
C LEU A 95 -23.08 63.18 -4.91
N GLN A 96 -23.05 62.19 -5.81
CA GLN A 96 -23.99 62.19 -6.93
C GLN A 96 -25.43 62.06 -6.45
N THR A 97 -25.67 61.24 -5.43
CA THR A 97 -27.01 61.14 -4.86
C THR A 97 -27.44 62.45 -4.23
N PHE A 98 -26.55 63.08 -3.47
CA PHE A 98 -26.88 64.38 -2.88
C PHE A 98 -27.11 65.44 -3.94
N ALA A 99 -26.35 65.38 -5.04
CA ALA A 99 -26.56 66.36 -6.12
C ALA A 99 -27.92 66.21 -6.77
N ARG A 100 -28.43 64.98 -6.87
CA ARG A 100 -29.75 64.77 -7.45
C ARG A 100 -30.87 65.30 -6.55
N THR A 101 -30.62 65.39 -5.24
CA THR A 101 -31.61 65.99 -4.35
C THR A 101 -31.80 67.46 -4.68
N VAL A 102 -30.74 68.15 -5.10
CA VAL A 102 -30.82 69.56 -5.45
C VAL A 102 -31.58 69.73 -6.77
N HIS B 6 13.95 -20.40 -14.77
CA HIS B 6 14.57 -21.14 -13.69
C HIS B 6 14.63 -20.32 -12.40
N LEU B 7 15.38 -20.82 -11.42
CA LEU B 7 15.46 -20.18 -10.12
C LEU B 7 16.45 -19.02 -10.14
N THR B 8 16.02 -17.86 -9.67
CA THR B 8 16.91 -16.71 -9.57
C THR B 8 18.04 -16.99 -8.57
N ARG B 9 19.00 -16.06 -8.53
CA ARG B 9 20.14 -16.23 -7.64
C ARG B 9 19.72 -16.22 -6.17
N ASP B 10 18.77 -15.34 -5.81
CA ASP B 10 18.28 -15.29 -4.44
C ASP B 10 17.56 -16.58 -4.07
N GLU B 11 16.77 -17.13 -4.99
CA GLU B 11 16.08 -18.38 -4.70
C GLU B 11 17.07 -19.52 -4.51
N LEU B 12 18.12 -19.56 -5.33
CA LEU B 12 19.13 -20.61 -5.18
C LEU B 12 19.87 -20.46 -3.86
N ARG B 13 20.24 -19.22 -3.50
CA ARG B 13 20.92 -19.01 -2.23
C ARG B 13 20.04 -19.46 -1.06
N ALA B 14 18.76 -19.10 -1.09
CA ALA B 14 17.86 -19.46 0.00
C ALA B 14 17.74 -20.98 0.13
N LYS B 15 17.52 -21.67 -0.99
CA LYS B 15 17.41 -23.12 -0.90
C LYS B 15 18.73 -23.77 -0.54
N ALA B 16 19.86 -23.17 -0.96
CA ALA B 16 21.16 -23.70 -0.56
C ALA B 16 21.34 -23.67 0.95
N LEU B 17 20.71 -22.72 1.64
CA LEU B 17 20.79 -22.69 3.11
C LEU B 17 19.56 -23.29 3.76
N HIS B 18 18.79 -24.09 3.01
CA HIS B 18 17.62 -24.79 3.53
C HIS B 18 16.63 -23.83 4.19
N ILE B 19 16.41 -22.69 3.55
CA ILE B 19 15.37 -21.75 3.97
C ILE B 19 14.04 -22.27 3.44
N PRO B 20 13.05 -22.49 4.31
CA PRO B 20 11.77 -23.04 3.84
C PRO B 20 10.84 -22.01 3.18
N PHE B 21 11.14 -20.72 3.27
CA PHE B 21 10.16 -19.80 2.71
C PHE B 21 10.51 -19.44 1.27
N PRO B 22 9.51 -19.23 0.42
CA PRO B 22 9.77 -18.65 -0.89
C PRO B 22 10.28 -17.21 -0.77
N VAL B 23 11.04 -16.80 -1.79
CA VAL B 23 11.62 -15.46 -1.77
C VAL B 23 10.55 -14.39 -1.80
N GLU B 24 9.49 -14.61 -2.59
CA GLU B 24 8.39 -13.64 -2.64
C GLU B 24 7.80 -13.41 -1.24
N LYS B 25 7.73 -14.46 -0.44
CA LYS B 25 7.18 -14.32 0.91
C LYS B 25 8.15 -13.56 1.82
N ILE B 26 9.44 -13.85 1.70
CA ILE B 26 10.46 -13.19 2.52
C ILE B 26 10.45 -11.68 2.30
N ILE B 27 10.22 -11.26 1.05
CA ILE B 27 10.26 -9.84 0.70
C ILE B 27 8.94 -9.14 1.03
N ASN B 28 7.79 -9.75 0.71
CA ASN B 28 6.52 -9.05 0.66
C ASN B 28 5.61 -9.29 1.86
N LEU B 29 5.93 -10.24 2.73
CA LEU B 29 5.11 -10.44 3.92
C LEU B 29 5.12 -9.15 4.76
N PRO B 30 3.96 -8.76 5.32
CA PRO B 30 3.97 -7.62 6.24
C PRO B 30 4.78 -7.95 7.49
N VAL B 31 5.29 -6.88 8.11
CA VAL B 31 6.22 -7.02 9.23
C VAL B 31 5.64 -7.93 10.32
N VAL B 32 4.35 -7.79 10.61
CA VAL B 32 3.74 -8.55 11.71
C VAL B 32 3.75 -10.04 11.41
N ASP B 33 3.34 -10.42 10.19
CA ASP B 33 3.36 -11.83 9.82
C ASP B 33 4.79 -12.35 9.69
N PHE B 34 5.71 -11.51 9.24
CA PHE B 34 7.10 -11.92 9.13
C PHE B 34 7.69 -12.25 10.49
N ASN B 35 7.43 -11.40 11.49
CA ASN B 35 8.02 -11.64 12.82
C ASN B 35 7.48 -12.92 13.44
N GLU B 36 6.17 -13.14 13.37
CA GLU B 36 5.58 -14.34 13.98
C GLU B 36 6.05 -15.60 13.27
N MET B 37 6.18 -15.56 11.94
CA MET B 37 6.69 -16.71 11.20
C MET B 37 8.14 -16.99 11.60
N MET B 38 8.96 -15.94 11.65
CA MET B 38 10.35 -16.07 12.09
C MET B 38 10.47 -16.69 13.47
N SER B 39 9.51 -16.40 14.37
CA SER B 39 9.60 -16.86 15.76
C SER B 39 9.30 -18.34 15.93
N LYS B 40 8.76 -19.00 14.91
CA LYS B 40 8.45 -20.43 14.98
C LYS B 40 9.57 -21.30 14.42
N GLU B 41 10.71 -20.72 14.08
CA GLU B 41 11.81 -21.46 13.47
C GLU B 41 13.04 -21.39 14.35
N GLN B 42 14.01 -22.27 14.05
CA GLN B 42 15.30 -22.34 14.75
C GLN B 42 16.40 -22.22 13.71
N PHE B 43 16.67 -20.99 13.26
CA PHE B 43 17.69 -20.73 12.27
C PHE B 43 19.03 -20.44 12.95
N ASN B 44 20.12 -20.80 12.28
CA ASN B 44 21.43 -20.40 12.75
C ASN B 44 21.76 -19.01 12.19
N GLU B 45 22.95 -18.50 12.52
CA GLU B 45 23.28 -17.12 12.17
C GLU B 45 23.35 -16.92 10.66
N ALA B 46 23.93 -17.88 9.93
CA ALA B 46 24.02 -17.74 8.48
C ALA B 46 22.63 -17.66 7.85
N GLN B 47 21.69 -18.47 8.34
CA GLN B 47 20.36 -18.47 7.75
C GLN B 47 19.62 -17.16 8.02
N LEU B 48 19.74 -16.65 9.25
CA LEU B 48 19.09 -15.39 9.59
C LEU B 48 19.62 -14.24 8.75
N ALA B 49 20.95 -14.16 8.58
CA ALA B 49 21.55 -13.06 7.84
C ALA B 49 21.11 -13.08 6.37
N LEU B 50 20.97 -14.27 5.78
CA LEU B 50 20.54 -14.34 4.39
C LEU B 50 19.09 -13.92 4.23
N ILE B 51 18.22 -14.36 5.15
CA ILE B 51 16.81 -13.97 5.08
C ILE B 51 16.69 -12.45 5.17
N ARG B 52 17.40 -11.83 6.11
CA ARG B 52 17.35 -10.38 6.25
C ARG B 52 17.90 -9.67 5.02
N ASP B 53 18.98 -10.22 4.44
CA ASP B 53 19.58 -9.62 3.25
C ASP B 53 18.61 -9.65 2.07
N ILE B 54 17.91 -10.77 1.88
CA ILE B 54 16.96 -10.87 0.79
C ILE B 54 15.80 -9.89 1.00
N ARG B 55 15.30 -9.80 2.24
CA ARG B 55 14.19 -8.89 2.50
C ARG B 55 14.62 -7.44 2.35
N ARG B 56 15.79 -7.08 2.90
CA ARG B 56 16.24 -5.69 2.85
CA ARG B 56 16.23 -5.69 2.85
C ARG B 56 16.46 -5.23 1.41
N ARG B 57 17.15 -6.04 0.61
CA ARG B 57 17.41 -5.67 -0.79
C ARG B 57 16.12 -5.63 -1.59
N GLY B 58 15.22 -6.59 -1.36
CA GLY B 58 13.95 -6.59 -2.06
C GLY B 58 13.13 -5.35 -1.77
N LYS B 59 13.11 -4.91 -0.51
CA LYS B 59 12.33 -3.73 -0.17
C LYS B 59 13.03 -2.44 -0.60
N ASN B 60 14.36 -2.40 -0.53
CA ASN B 60 15.09 -1.16 -0.82
C ASN B 60 15.07 -0.83 -2.31
N LYS B 61 15.05 -1.84 -3.18
CA LYS B 61 15.01 -1.54 -4.62
C LYS B 61 13.66 -0.98 -5.03
N VAL B 62 12.60 -1.34 -4.31
CA VAL B 62 11.31 -0.67 -4.51
C VAL B 62 11.38 0.78 -4.04
N ALA B 63 12.02 1.01 -2.89
CA ALA B 63 12.20 2.37 -2.40
C ALA B 63 13.04 3.21 -3.35
N ALA B 64 14.03 2.60 -4.01
CA ALA B 64 14.88 3.35 -4.93
C ALA B 64 14.11 3.78 -6.17
N GLN B 65 13.29 2.88 -6.72
CA GLN B 65 12.53 3.25 -7.92
C GLN B 65 11.39 4.21 -7.58
N ASN B 66 10.82 4.10 -6.38
CA ASN B 66 9.84 5.09 -5.94
C ASN B 66 10.49 6.45 -5.80
N CYS B 67 11.72 6.48 -5.29
CA CYS B 67 12.42 7.75 -5.10
C CYS B 67 12.77 8.40 -6.42
N ARG B 68 13.09 7.59 -7.45
CA ARG B 68 13.37 8.17 -8.76
C ARG B 68 12.09 8.70 -9.41
N LYS B 69 10.96 8.01 -9.21
CA LYS B 69 9.72 8.46 -9.82
C LYS B 69 9.19 9.73 -9.15
N ARG B 70 9.44 9.90 -7.85
CA ARG B 70 9.05 11.12 -7.17
C ARG B 70 9.85 12.32 -7.66
N LYS B 71 11.12 12.11 -8.01
CA LYS B 71 11.91 13.21 -8.58
C LYS B 71 11.30 13.70 -9.89
N LEU B 72 10.89 12.78 -10.77
CA LEU B 72 10.27 13.17 -12.03
C LEU B 72 8.94 13.87 -11.79
N GLU B 73 8.12 13.34 -10.86
CA GLU B 73 6.84 13.95 -10.56
C GLU B 73 7.01 15.34 -9.95
N ASN B 74 8.01 15.51 -9.08
N ASN B 74 8.01 15.50 -9.08
CA ASN B 74 8.22 16.82 -8.47
CA ASN B 74 8.25 16.81 -8.47
C ASN B 74 8.61 17.87 -9.51
C ASN B 74 8.62 17.86 -9.51
N ILE B 75 9.32 17.45 -10.56
CA ILE B 75 9.65 18.39 -11.64
C ILE B 75 8.37 18.81 -12.36
N VAL B 76 7.46 17.87 -12.61
CA VAL B 76 6.20 18.19 -13.27
C VAL B 76 5.40 19.15 -12.41
N GLU B 77 5.40 18.94 -11.08
CA GLU B 77 4.68 19.85 -10.19
C GLU B 77 5.29 21.24 -10.20
N LEU B 78 6.62 21.33 -10.17
CA LEU B 78 7.28 22.62 -10.22
C LEU B 78 6.92 23.38 -11.50
N GLU B 79 6.97 22.68 -12.65
CA GLU B 79 6.58 23.33 -13.91
C GLU B 79 5.10 23.71 -13.91
N GLN B 80 4.25 22.89 -13.30
CA GLN B 80 2.85 23.28 -13.12
C GLN B 80 2.75 24.51 -12.22
N ASP B 81 3.57 24.56 -11.16
CA ASP B 81 3.55 25.70 -10.27
C ASP B 81 3.97 26.97 -11.00
N LEU B 82 5.01 26.87 -11.83
CA LEU B 82 5.45 28.03 -12.62
C LEU B 82 4.36 28.46 -13.59
N ASP B 83 3.67 27.50 -14.21
CA ASP B 83 2.61 27.85 -15.16
C ASP B 83 1.47 28.58 -14.47
N HIS B 84 1.05 28.11 -13.30
CA HIS B 84 -0.03 28.77 -12.59
C HIS B 84 0.39 30.14 -12.07
N LEU B 85 1.61 30.24 -11.55
CA LEU B 85 2.09 31.50 -11.01
C LEU B 85 2.16 32.58 -12.09
N LYS B 86 2.60 32.21 -13.30
CA LYS B 86 2.60 33.15 -14.42
C LYS B 86 1.18 33.60 -14.76
N ASP B 87 0.21 32.69 -14.65
CA ASP B 87 -1.18 33.09 -14.90
C ASP B 87 -1.72 33.95 -13.77
N GLU B 88 -1.37 33.63 -12.52
CA GLU B 88 -1.82 34.43 -11.40
C GLU B 88 -1.24 35.83 -11.46
N LYS B 89 0.06 35.95 -11.78
CA LYS B 89 0.68 37.26 -11.93
C LYS B 89 0.00 38.06 -13.04
N GLU B 90 -0.30 37.42 -14.17
CA GLU B 90 -1.00 38.11 -15.25
C GLU B 90 -2.41 38.53 -14.81
N LYS B 91 -3.09 37.67 -14.06
CA LYS B 91 -4.43 38.01 -13.59
C LYS B 91 -4.39 39.18 -12.61
N LEU B 92 -3.41 39.18 -11.72
CA LEU B 92 -3.29 40.27 -10.74
C LEU B 92 -2.87 41.57 -11.43
N LEU B 93 -2.02 41.48 -12.44
CA LEU B 93 -1.64 42.67 -13.21
C LEU B 93 -2.84 43.23 -13.96
N LYS B 94 -3.68 42.36 -14.52
CA LYS B 94 -4.90 42.82 -15.19
C LYS B 94 -5.87 43.45 -14.18
N GLU B 95 -6.02 42.83 -13.01
CA GLU B 95 -6.88 43.41 -11.97
C GLU B 95 -6.31 44.73 -11.48
N LYS B 96 -5.00 44.79 -11.27
CA LYS B 96 -4.37 46.05 -10.88
C LYS B 96 -4.53 47.12 -11.96
N GLY B 97 -4.55 46.70 -13.23
CA GLY B 97 -4.71 47.67 -14.31
C GLY B 97 -6.10 48.30 -14.32
N GLU B 98 -7.14 47.46 -14.21
CA GLU B 98 -8.50 47.99 -14.19
C GLU B 98 -8.74 48.87 -12.98
N ASN B 99 -8.23 48.46 -11.82
CA ASN B 99 -8.36 49.26 -10.62
C ASN B 99 -7.59 50.57 -10.74
N ASP B 100 -6.44 50.55 -11.43
CA ASP B 100 -5.68 51.76 -11.65
C ASP B 100 -6.45 52.73 -12.56
N LYS B 101 -7.06 52.19 -13.62
CA LYS B 101 -7.81 53.04 -14.53
C LYS B 101 -9.06 53.61 -13.88
N SER B 102 -9.71 52.83 -13.00
CA SER B 102 -10.89 53.33 -12.31
C SER B 102 -10.52 54.44 -11.33
N LEU B 103 -9.40 54.28 -10.62
CA LEU B 103 -8.99 55.28 -9.65
C LEU B 103 -8.48 56.54 -10.35
N HIS B 104 -7.83 56.38 -11.50
CA HIS B 104 -7.33 57.56 -12.21
C HIS B 104 -8.47 58.43 -12.71
N LEU B 105 -9.53 57.83 -13.24
CA LEU B 105 -10.63 58.62 -13.78
C LEU B 105 -11.40 59.32 -12.67
N LEU B 106 -11.61 58.63 -11.54
CA LEU B 106 -12.28 59.27 -10.42
C LEU B 106 -11.49 60.46 -9.92
N LYS B 107 -10.17 60.34 -9.86
CA LYS B 107 -9.34 61.47 -9.48
C LYS B 107 -9.32 62.54 -10.57
N LYS B 108 -9.48 62.14 -11.83
CA LYS B 108 -9.51 63.11 -12.93
C LYS B 108 -10.82 63.88 -12.98
N GLN B 109 -11.95 63.19 -12.80
CA GLN B 109 -13.23 63.89 -12.79
C GLN B 109 -13.32 64.87 -11.62
N LEU B 110 -12.70 64.53 -10.50
CA LEU B 110 -12.64 65.41 -9.34
C LEU B 110 -11.59 66.51 -9.48
N SER B 111 -10.79 66.49 -10.56
CA SER B 111 -9.72 67.46 -10.80
C SER B 111 -8.80 67.63 -9.59
N GLY E 2 -54.81 -11.54 -3.06
CA GLY E 2 -55.23 -11.39 -4.45
C GLY E 2 -54.07 -11.43 -5.42
N THR E 3 -53.69 -10.26 -5.93
CA THR E 3 -52.55 -10.14 -6.84
C THR E 3 -51.27 -9.79 -6.12
N SER E 4 -51.28 -9.71 -4.79
CA SER E 4 -50.05 -9.47 -4.06
C SER E 4 -49.17 -10.71 -4.10
N LEU E 5 -47.86 -10.48 -4.14
CA LEU E 5 -46.88 -11.55 -4.25
C LEU E 5 -46.02 -11.60 -2.98
N THR E 6 -45.89 -12.78 -2.41
CA THR E 6 -44.95 -12.98 -1.31
C THR E 6 -43.52 -12.96 -1.84
N ASP E 7 -42.57 -12.94 -0.89
CA ASP E 7 -41.16 -12.86 -1.24
C ASP E 7 -40.74 -14.04 -2.11
N GLU E 8 -41.10 -15.26 -1.69
CA GLU E 8 -40.71 -16.45 -2.44
C GLU E 8 -41.36 -16.50 -3.81
N GLU E 9 -42.64 -16.10 -3.91
CA GLU E 9 -43.33 -16.10 -5.19
C GLU E 9 -42.65 -15.18 -6.19
N LEU E 10 -42.21 -14.00 -5.74
CA LEU E 10 -41.61 -13.03 -6.65
C LEU E 10 -40.20 -13.43 -7.05
N VAL E 11 -39.42 -13.98 -6.10
CA VAL E 11 -38.03 -14.31 -6.39
C VAL E 11 -37.89 -15.59 -7.19
N THR E 12 -38.89 -16.47 -7.16
CA THR E 12 -38.84 -17.73 -7.90
C THR E 12 -39.77 -17.70 -9.12
N MET E 13 -39.95 -16.53 -9.70
CA MET E 13 -40.87 -16.33 -10.82
C MET E 13 -40.10 -16.17 -12.12
N SER E 14 -40.57 -16.84 -13.17
CA SER E 14 -39.93 -16.73 -14.47
C SER E 14 -40.19 -15.36 -15.08
N VAL E 15 -39.46 -15.04 -16.15
CA VAL E 15 -39.63 -13.75 -16.79
C VAL E 15 -40.98 -13.68 -17.50
N ARG E 16 -41.42 -14.78 -18.10
CA ARG E 16 -42.73 -14.80 -18.75
C ARG E 16 -43.85 -14.65 -17.73
N GLU E 17 -43.75 -15.34 -16.60
CA GLU E 17 -44.74 -15.18 -15.55
C GLU E 17 -44.70 -13.78 -14.95
N LEU E 18 -43.51 -13.20 -14.83
CA LEU E 18 -43.39 -11.85 -14.29
C LEU E 18 -44.04 -10.83 -15.20
N ASN E 19 -43.74 -10.88 -16.49
CA ASN E 19 -44.30 -9.92 -17.43
C ASN E 19 -45.82 -10.03 -17.48
N GLN E 20 -46.35 -11.25 -17.41
CA GLN E 20 -47.79 -11.43 -17.36
C GLN E 20 -48.39 -10.77 -16.13
N HIS E 21 -47.69 -10.85 -15.00
CA HIS E 21 -48.20 -10.26 -13.76
C HIS E 21 -48.21 -8.74 -13.82
N LEU E 22 -47.30 -8.14 -14.60
CA LEU E 22 -47.26 -6.68 -14.73
C LEU E 22 -48.44 -6.12 -15.52
N ARG E 23 -49.16 -6.96 -16.26
CA ARG E 23 -50.30 -6.48 -17.03
C ARG E 23 -51.39 -5.99 -16.09
N GLY E 24 -51.74 -4.71 -16.21
CA GLY E 24 -52.75 -4.09 -15.39
C GLY E 24 -52.22 -3.06 -14.41
N LEU E 25 -50.95 -3.15 -14.05
CA LEU E 25 -50.34 -2.20 -13.12
C LEU E 25 -49.72 -1.03 -13.88
N SER E 26 -49.54 0.08 -13.16
CA SER E 26 -48.99 1.31 -13.74
C SER E 26 -47.48 1.19 -13.87
N LYS E 27 -46.90 2.13 -14.64
CA LYS E 27 -45.46 2.13 -14.86
C LYS E 27 -44.70 2.31 -13.56
N GLU E 28 -45.33 2.95 -12.56
CA GLU E 28 -44.69 3.12 -11.26
C GLU E 28 -44.72 1.83 -10.44
N GLU E 29 -45.83 1.10 -10.50
CA GLU E 29 -45.89 -0.19 -9.82
C GLU E 29 -44.98 -1.22 -10.47
N ILE E 30 -44.69 -1.06 -11.77
CA ILE E 30 -43.76 -1.96 -12.43
C ILE E 30 -42.34 -1.71 -11.95
N VAL E 31 -41.96 -0.43 -11.80
CA VAL E 31 -40.63 -0.10 -11.32
C VAL E 31 -40.46 -0.53 -9.87
N GLN E 32 -41.48 -0.30 -9.04
CA GLN E 32 -41.41 -0.70 -7.64
C GLN E 32 -41.32 -2.21 -7.49
N LEU E 33 -42.08 -2.95 -8.30
CA LEU E 33 -42.02 -4.41 -8.23
C LEU E 33 -40.69 -4.94 -8.78
N LYS E 34 -40.21 -4.36 -9.88
CA LYS E 34 -38.92 -4.79 -10.43
C LYS E 34 -37.78 -4.49 -9.47
N GLN E 35 -37.86 -3.39 -8.73
CA GLN E 35 -36.85 -3.11 -7.72
C GLN E 35 -36.92 -4.11 -6.58
N ARG E 36 -38.14 -4.46 -6.15
CA ARG E 36 -38.30 -5.42 -5.06
C ARG E 36 -37.76 -6.80 -5.46
N ARG E 37 -38.01 -7.21 -6.70
CA ARG E 37 -37.50 -8.49 -7.18
C ARG E 37 -35.97 -8.48 -7.19
N ARG E 38 -35.37 -7.41 -7.70
CA ARG E 38 -33.91 -7.32 -7.72
C ARG E 38 -33.34 -7.31 -6.30
N THR E 39 -34.01 -6.62 -5.37
CA THR E 39 -33.53 -6.58 -4.00
C THR E 39 -33.59 -7.96 -3.35
N LEU E 40 -34.65 -8.73 -3.62
CA LEU E 40 -34.73 -10.09 -3.08
C LEU E 40 -33.69 -11.02 -3.69
N LYS E 41 -33.33 -10.82 -4.96
CA LYS E 41 -32.27 -11.63 -5.55
C LYS E 41 -30.91 -11.27 -4.95
N ASN E 42 -30.65 -9.97 -4.77
CA ASN E 42 -29.42 -9.52 -4.14
C ASN E 42 -29.26 -10.08 -2.72
N ARG E 43 -30.38 -10.21 -1.99
CA ARG E 43 -30.32 -10.82 -0.67
C ARG E 43 -29.85 -12.28 -0.76
N GLY E 44 -30.32 -13.01 -1.77
CA GLY E 44 -29.84 -14.36 -1.97
C GLY E 44 -28.37 -14.41 -2.37
N TYR E 45 -27.96 -13.52 -3.27
CA TYR E 45 -26.56 -13.47 -3.69
C TYR E 45 -25.63 -13.21 -2.52
N ALA E 46 -26.01 -12.29 -1.63
CA ALA E 46 -25.16 -11.96 -0.49
C ALA E 46 -25.07 -13.13 0.48
N ALA E 47 -26.16 -13.89 0.64
CA ALA E 47 -26.10 -15.06 1.51
C ALA E 47 -25.21 -16.15 0.93
N SER E 48 -25.30 -16.38 -0.38
CA SER E 48 -24.40 -17.33 -1.02
C SER E 48 -22.95 -16.87 -0.89
N CYS E 49 -22.71 -15.56 -1.03
CA CYS E 49 -21.37 -15.03 -0.88
C CYS E 49 -20.81 -15.28 0.52
N ARG E 50 -21.66 -15.13 1.55
CA ARG E 50 -21.20 -15.41 2.91
C ARG E 50 -20.96 -16.90 3.14
N VAL E 51 -21.87 -17.76 2.66
CA VAL E 51 -21.63 -19.20 2.73
C VAL E 51 -20.30 -19.55 2.08
N LYS E 52 -20.00 -18.91 0.95
CA LYS E 52 -18.74 -19.17 0.26
C LYS E 52 -17.53 -18.81 1.12
N ARG E 53 -17.58 -17.66 1.80
CA ARG E 53 -16.50 -17.28 2.71
C ARG E 53 -16.35 -18.30 3.84
N VAL E 54 -17.47 -18.69 4.46
CA VAL E 54 -17.41 -19.68 5.53
C VAL E 54 -16.85 -21.01 5.02
N THR E 55 -17.24 -21.40 3.79
CA THR E 55 -16.79 -22.67 3.24
C THR E 55 -15.27 -22.70 3.05
N GLN E 56 -14.68 -21.59 2.58
CA GLN E 56 -13.23 -21.55 2.42
C GLN E 56 -12.52 -21.63 3.76
N LYS E 57 -13.01 -20.89 4.75
CA LYS E 57 -12.39 -20.89 6.07
C LYS E 57 -12.46 -22.28 6.71
N GLU E 58 -13.63 -22.92 6.63
CA GLU E 58 -13.78 -24.26 7.21
C GLU E 58 -12.90 -25.27 6.50
N GLU E 59 -12.67 -25.11 5.20
CA GLU E 59 -11.79 -26.03 4.49
C GLU E 59 -10.34 -25.86 4.92
N LEU E 60 -9.91 -24.61 5.11
CA LEU E 60 -8.57 -24.35 5.60
C LEU E 60 -8.40 -24.90 7.02
N GLU E 61 -9.43 -24.78 7.86
CA GLU E 61 -9.36 -25.31 9.21
C GLU E 61 -9.32 -26.83 9.21
N LYS E 62 -10.03 -27.47 8.28
CA LYS E 62 -9.99 -28.93 8.19
C LYS E 62 -8.61 -29.42 7.75
N GLN E 63 -8.00 -28.73 6.78
CA GLN E 63 -6.63 -29.10 6.39
C GLN E 63 -5.65 -28.87 7.53
N LYS E 64 -5.88 -27.84 8.34
CA LYS E 64 -4.98 -27.58 9.47
C LYS E 64 -5.07 -28.68 10.51
N ALA E 65 -6.31 -29.03 10.91
CA ALA E 65 -6.49 -30.06 11.94
C ALA E 65 -5.91 -31.40 11.48
N GLU E 66 -6.04 -31.72 10.19
CA GLU E 66 -5.47 -32.96 9.68
C GLU E 66 -3.94 -32.93 9.75
N LEU E 67 -3.33 -31.84 9.28
CA LEU E 67 -1.88 -31.72 9.36
C LEU E 67 -1.39 -31.75 10.81
N GLN E 68 -2.13 -31.13 11.73
CA GLN E 68 -1.74 -31.15 13.14
C GLN E 68 -1.74 -32.57 13.69
N GLN E 69 -2.76 -33.36 13.37
CA GLN E 69 -2.82 -34.72 13.88
C GLN E 69 -1.68 -35.57 13.32
N GLU E 70 -1.35 -35.37 12.05
CA GLU E 70 -0.25 -36.12 11.43
C GLU E 70 1.08 -35.79 12.06
N VAL E 71 1.37 -34.51 12.29
CA VAL E 71 2.64 -34.11 12.88
C VAL E 71 2.78 -34.68 14.28
N GLU E 72 1.71 -34.65 15.07
CA GLU E 72 1.76 -35.24 16.40
C GLU E 72 2.00 -36.74 16.34
N LYS E 73 1.33 -37.43 15.41
CA LYS E 73 1.50 -38.87 15.29
C LYS E 73 2.90 -39.22 14.79
N LEU E 74 3.39 -38.51 13.76
CA LEU E 74 4.71 -38.79 13.22
C LEU E 74 5.80 -38.55 14.27
N ALA E 75 5.67 -37.48 15.05
CA ALA E 75 6.68 -37.18 16.06
C ALA E 75 6.72 -38.25 17.13
N SER E 76 5.55 -38.75 17.53
CA SER E 76 5.51 -39.81 18.55
C SER E 76 6.12 -41.10 18.02
N GLU E 77 5.86 -41.42 16.75
CA GLU E 77 6.42 -42.65 16.17
C GLU E 77 7.93 -42.54 15.98
N ASN E 78 8.42 -41.34 15.62
CA ASN E 78 9.86 -41.16 15.48
C ASN E 78 10.57 -41.25 16.83
N ALA E 79 9.95 -40.70 17.88
CA ALA E 79 10.55 -40.81 19.21
C ALA E 79 10.59 -42.26 19.68
N SER E 80 9.51 -43.00 19.48
CA SER E 80 9.48 -44.40 19.88
C SER E 80 10.43 -45.25 19.03
N MET E 81 10.52 -44.94 17.73
CA MET E 81 11.43 -45.68 16.86
C MET E 81 12.88 -45.38 17.21
N LYS E 82 13.17 -44.13 17.62
CA LYS E 82 14.53 -43.78 17.98
C LYS E 82 15.01 -44.59 19.18
N LEU E 83 14.10 -44.87 20.12
CA LEU E 83 14.46 -45.70 21.27
C LEU E 83 14.76 -47.14 20.86
N GLU E 84 14.06 -47.66 19.85
CA GLU E 84 14.32 -49.02 19.40
C GLU E 84 15.63 -49.11 18.65
N LEU E 85 15.95 -48.12 17.81
CA LEU E 85 17.23 -48.11 17.12
C LEU E 85 18.39 -47.98 18.10
N ASP E 86 18.24 -47.16 19.13
CA ASP E 86 19.32 -47.02 20.11
C ASP E 86 19.57 -48.33 20.84
N ALA E 87 18.52 -49.11 21.08
CA ALA E 87 18.69 -50.42 21.69
C ALA E 87 19.25 -51.43 20.70
N LEU E 88 18.74 -51.42 19.47
CA LEU E 88 19.28 -52.29 18.43
C LEU E 88 20.75 -51.98 18.16
N ARG E 89 21.10 -50.69 18.17
CA ARG E 89 22.49 -50.30 17.95
C ARG E 89 23.38 -50.82 19.07
N SER E 90 22.95 -50.65 20.32
CA SER E 90 23.74 -51.12 21.46
C SER E 90 23.98 -52.62 21.40
N LYS E 91 22.97 -53.39 20.97
CA LYS E 91 23.17 -54.82 20.79
C LYS E 91 24.13 -55.12 19.65
N TYR E 92 24.15 -54.25 18.63
CA TYR E 92 25.04 -54.47 17.49
C TYR E 92 26.50 -54.28 17.87
N GLU E 93 26.81 -53.18 18.58
CA GLU E 93 28.18 -52.96 19.04
C GLU E 93 28.61 -54.01 20.05
N ALA E 94 27.67 -54.49 20.88
CA ALA E 94 27.99 -55.56 21.81
C ALA E 94 28.35 -56.84 21.06
N LEU E 95 27.60 -57.16 20.00
CA LEU E 95 27.95 -58.30 19.17
C LEU E 95 29.28 -58.09 18.44
N GLN E 96 29.58 -56.85 18.07
CA GLN E 96 30.86 -56.54 17.43
C GLN E 96 32.01 -56.76 18.41
N THR E 97 31.81 -56.39 19.67
CA THR E 97 32.82 -56.62 20.69
C THR E 97 33.08 -58.12 20.90
N PHE E 98 32.01 -58.91 20.95
CA PHE E 98 32.14 -60.36 21.10
C PHE E 98 32.83 -60.97 19.89
N ALA E 99 32.54 -60.46 18.68
CA ALA E 99 33.13 -61.02 17.48
C ALA E 99 34.64 -60.79 17.42
N ARG E 100 35.13 -59.70 18.00
CA ARG E 100 36.55 -59.39 17.97
C ARG E 100 37.37 -60.21 18.96
N THR E 101 36.72 -60.96 19.85
CA THR E 101 37.41 -61.76 20.85
C THR E 101 37.53 -63.23 20.44
N VAL E 102 37.19 -63.57 19.20
CA VAL E 102 37.27 -64.95 18.75
C VAL E 102 38.59 -65.20 18.02
N THR F 8 -23.50 12.74 -0.61
CA THR F 8 -23.75 11.77 0.44
C THR F 8 -25.15 12.00 1.02
N ARG F 9 -25.90 10.90 1.22
CA ARG F 9 -27.25 11.02 1.77
C ARG F 9 -27.22 11.60 3.18
N ASP F 10 -26.19 11.28 3.96
CA ASP F 10 -26.08 11.87 5.29
C ASP F 10 -25.81 13.37 5.23
N GLU F 11 -24.97 13.80 4.29
CA GLU F 11 -24.71 15.22 4.14
C GLU F 11 -25.96 15.97 3.69
N LEU F 12 -26.82 15.32 2.90
CA LEU F 12 -28.07 15.96 2.49
C LEU F 12 -29.03 16.11 3.67
N ARG F 13 -28.99 15.18 4.63
CA ARG F 13 -29.81 15.31 5.82
C ARG F 13 -29.30 16.42 6.73
N ALA F 14 -27.98 16.62 6.79
CA ALA F 14 -27.42 17.68 7.61
C ALA F 14 -27.78 19.06 7.07
N LYS F 15 -27.66 19.25 5.75
CA LYS F 15 -28.06 20.50 5.15
C LYS F 15 -29.57 20.71 5.26
N ALA F 16 -30.35 19.62 5.23
CA ALA F 16 -31.80 19.75 5.33
C ALA F 16 -32.23 20.20 6.72
N LEU F 17 -31.62 19.63 7.76
CA LEU F 17 -31.94 19.99 9.14
C LEU F 17 -31.12 21.16 9.66
N HIS F 18 -30.42 21.88 8.78
CA HIS F 18 -29.67 23.09 9.14
C HIS F 18 -28.63 22.79 10.22
N ILE F 19 -27.83 21.76 9.97
CA ILE F 19 -26.75 21.41 10.91
C ILE F 19 -25.54 22.30 10.62
N PRO F 20 -25.00 23.00 11.62
CA PRO F 20 -23.97 24.01 11.35
C PRO F 20 -22.59 23.43 11.03
N PHE F 21 -22.35 22.14 11.28
CA PHE F 21 -21.03 21.56 11.06
C PHE F 21 -21.10 20.38 10.12
N PRO F 22 -20.01 20.08 9.40
CA PRO F 22 -20.02 18.95 8.46
C PRO F 22 -19.87 17.62 9.19
N VAL F 23 -20.20 16.55 8.46
CA VAL F 23 -20.23 15.22 9.04
C VAL F 23 -18.85 14.74 9.46
N GLU F 24 -17.78 15.31 8.90
CA GLU F 24 -16.43 14.90 9.27
C GLU F 24 -16.15 15.18 10.74
N LYS F 25 -16.60 16.32 11.25
CA LYS F 25 -16.39 16.62 12.67
C LYS F 25 -17.32 15.79 13.55
N ILE F 26 -18.56 15.56 13.09
CA ILE F 26 -19.51 14.76 13.84
C ILE F 26 -18.96 13.36 14.14
N ILE F 27 -18.23 12.79 13.19
CA ILE F 27 -17.74 11.41 13.34
C ILE F 27 -16.41 11.37 14.07
N ASN F 28 -15.47 12.23 13.68
CA ASN F 28 -14.08 12.06 14.08
C ASN F 28 -13.70 12.83 15.35
N LEU F 29 -14.57 13.67 15.88
CA LEU F 29 -14.22 14.39 17.09
C LEU F 29 -14.16 13.43 18.28
N PRO F 30 -13.24 13.65 19.22
CA PRO F 30 -13.23 12.87 20.45
C PRO F 30 -14.55 12.98 21.20
N VAL F 31 -14.76 12.06 22.14
CA VAL F 31 -16.05 11.97 22.83
C VAL F 31 -16.33 13.26 23.60
N VAL F 32 -15.42 13.65 24.48
CA VAL F 32 -15.64 14.85 25.28
C VAL F 32 -15.59 16.09 24.40
N ASP F 33 -14.75 16.08 23.37
CA ASP F 33 -14.68 17.21 22.45
C ASP F 33 -15.94 17.31 21.59
N PHE F 34 -16.62 16.18 21.36
CA PHE F 34 -17.86 16.20 20.59
C PHE F 34 -18.96 16.93 21.34
N ASN F 35 -19.22 16.54 22.59
CA ASN F 35 -20.24 17.19 23.40
C ASN F 35 -19.90 18.65 23.68
N GLU F 36 -18.61 19.01 23.66
CA GLU F 36 -18.23 20.40 23.89
C GLU F 36 -18.73 21.30 22.75
N MET F 37 -18.49 20.89 21.50
CA MET F 37 -19.04 21.64 20.37
C MET F 37 -20.54 21.52 20.28
N MET F 38 -21.10 20.41 20.81
CA MET F 38 -22.55 20.26 20.87
C MET F 38 -23.18 21.30 21.80
N SER F 39 -22.48 21.65 22.88
CA SER F 39 -23.00 22.62 23.84
C SER F 39 -22.97 24.05 23.33
N LYS F 40 -22.27 24.31 22.23
CA LYS F 40 -22.21 25.66 21.68
C LYS F 40 -23.52 26.07 21.02
N GLU F 41 -24.39 25.12 20.70
CA GLU F 41 -25.65 25.42 20.05
C GLU F 41 -26.74 24.51 20.64
N GLN F 42 -27.98 24.78 20.24
CA GLN F 42 -29.14 24.00 20.66
C GLN F 42 -29.94 23.61 19.44
N PHE F 43 -30.29 22.33 19.33
CA PHE F 43 -30.98 21.80 18.17
C PHE F 43 -32.28 21.10 18.59
N ASN F 44 -33.05 20.71 17.59
CA ASN F 44 -34.29 19.97 17.80
C ASN F 44 -34.00 18.56 18.30
N GLU F 45 -35.04 17.93 18.85
CA GLU F 45 -34.92 16.52 19.25
C GLU F 45 -34.66 15.63 18.04
N ALA F 46 -35.22 15.99 16.88
CA ALA F 46 -34.92 15.25 15.66
C ALA F 46 -33.54 15.59 15.11
N GLN F 47 -33.10 16.84 15.28
CA GLN F 47 -31.75 17.21 14.88
C GLN F 47 -30.72 16.53 15.77
N LEU F 48 -31.00 16.44 17.07
CA LEU F 48 -30.12 15.72 17.98
C LEU F 48 -30.02 14.25 17.59
N ALA F 49 -31.14 13.63 17.25
CA ALA F 49 -31.14 12.22 16.88
C ALA F 49 -30.40 11.98 15.57
N LEU F 50 -30.48 12.93 14.63
CA LEU F 50 -29.75 12.78 13.37
C LEU F 50 -28.25 12.90 13.57
N ILE F 51 -27.81 13.90 14.34
CA ILE F 51 -26.38 14.07 14.58
C ILE F 51 -25.80 12.82 15.25
N ARG F 52 -26.52 12.27 16.23
CA ARG F 52 -26.09 11.02 16.83
C ARG F 52 -26.14 9.87 15.82
N ASP F 53 -27.06 9.93 14.86
CA ASP F 53 -27.13 8.90 13.83
C ASP F 53 -25.94 9.01 12.87
N ILE F 54 -25.56 10.24 12.50
CA ILE F 54 -24.39 10.43 11.66
C ILE F 54 -23.15 9.84 12.34
N ARG F 55 -22.93 10.22 13.60
CA ARG F 55 -21.78 9.73 14.34
C ARG F 55 -21.81 8.20 14.46
N ARG F 56 -22.99 7.63 14.67
CA ARG F 56 -23.09 6.18 14.83
C ARG F 56 -22.76 5.45 13.54
N ARG F 57 -23.32 5.90 12.42
CA ARG F 57 -23.04 5.28 11.13
C ARG F 57 -21.57 5.42 10.76
N GLY F 58 -20.97 6.57 11.04
CA GLY F 58 -19.57 6.78 10.71
C GLY F 58 -18.64 5.90 11.49
N LYS F 59 -18.95 5.64 12.77
CA LYS F 59 -18.12 4.74 13.56
C LYS F 59 -18.38 3.28 13.21
N ASN F 60 -19.65 2.91 12.97
CA ASN F 60 -19.96 1.53 12.61
C ASN F 60 -19.39 1.17 11.25
N LYS F 61 -19.32 2.14 10.33
CA LYS F 61 -18.67 1.89 9.05
C LYS F 61 -17.22 1.47 9.26
N VAL F 62 -16.52 2.16 10.16
CA VAL F 62 -15.15 1.79 10.50
C VAL F 62 -15.13 0.40 11.12
N ALA F 63 -16.09 0.09 11.99
CA ALA F 63 -16.17 -1.24 12.57
C ALA F 63 -16.31 -2.31 11.50
N ALA F 64 -17.18 -2.07 10.51
CA ALA F 64 -17.34 -3.03 9.42
C ALA F 64 -16.04 -3.18 8.63
N GLN F 65 -15.31 -2.08 8.42
CA GLN F 65 -14.02 -2.16 7.75
C GLN F 65 -13.04 -3.04 8.54
N ASN F 66 -13.00 -2.86 9.86
CA ASN F 66 -12.09 -3.66 10.67
C ASN F 66 -12.54 -5.11 10.78
N CYS F 67 -13.84 -5.36 10.73
CA CYS F 67 -14.33 -6.73 10.77
C CYS F 67 -13.94 -7.49 9.51
N ARG F 68 -14.12 -6.89 8.33
CA ARG F 68 -13.64 -7.50 7.10
C ARG F 68 -12.13 -7.68 7.13
N LYS F 69 -11.41 -6.69 7.67
CA LYS F 69 -9.96 -6.79 7.74
C LYS F 69 -9.52 -7.98 8.59
N ARG F 70 -10.18 -8.19 9.73
CA ARG F 70 -9.83 -9.29 10.61
C ARG F 70 -10.07 -10.64 9.92
N LYS F 71 -11.18 -10.77 9.20
CA LYS F 71 -11.46 -12.02 8.51
C LYS F 71 -10.41 -12.31 7.44
N LEU F 72 -9.97 -11.27 6.72
CA LEU F 72 -8.94 -11.47 5.70
C LEU F 72 -7.60 -11.84 6.32
N GLU F 73 -7.23 -11.18 7.42
CA GLU F 73 -5.98 -11.54 8.11
C GLU F 73 -6.05 -12.96 8.63
N ASN F 74 -7.21 -13.38 9.13
CA ASN F 74 -7.36 -14.74 9.65
C ASN F 74 -7.11 -15.77 8.56
N ILE F 75 -7.56 -15.50 7.34
CA ILE F 75 -7.31 -16.41 6.22
C ILE F 75 -5.82 -16.47 5.92
N VAL F 76 -5.14 -15.31 5.92
CA VAL F 76 -3.69 -15.29 5.72
C VAL F 76 -2.99 -16.10 6.78
N GLU F 77 -3.42 -15.97 8.04
CA GLU F 77 -2.78 -16.70 9.13
C GLU F 77 -3.00 -18.21 9.01
N LEU F 78 -4.20 -18.62 8.57
CA LEU F 78 -4.46 -20.04 8.38
C LEU F 78 -3.55 -20.61 7.31
N GLU F 79 -3.35 -19.89 6.21
CA GLU F 79 -2.45 -20.36 5.16
C GLU F 79 -1.01 -20.42 5.65
N GLN F 80 -0.59 -19.42 6.42
CA GLN F 80 0.72 -19.47 7.06
C GLN F 80 0.86 -20.72 7.92
N ASP F 81 -0.20 -21.09 8.64
CA ASP F 81 -0.15 -22.31 9.46
C ASP F 81 0.00 -23.54 8.59
N LEU F 82 -0.71 -23.57 7.46
CA LEU F 82 -0.64 -24.72 6.57
C LEU F 82 0.77 -24.91 6.02
N ASP F 83 1.43 -23.82 5.60
CA ASP F 83 2.79 -23.92 5.10
C ASP F 83 3.74 -24.41 6.18
N HIS F 84 3.59 -23.89 7.41
CA HIS F 84 4.48 -24.28 8.49
C HIS F 84 4.27 -25.73 8.90
N LEU F 85 3.01 -26.18 8.96
CA LEU F 85 2.74 -27.57 9.32
C LEU F 85 3.20 -28.52 8.23
N LYS F 86 3.08 -28.11 6.97
CA LYS F 86 3.59 -28.95 5.88
C LYS F 86 5.10 -29.06 5.95
N ASP F 87 5.78 -27.95 6.26
CA ASP F 87 7.23 -28.00 6.42
C ASP F 87 7.63 -28.89 7.59
N GLU F 88 6.88 -28.84 8.69
CA GLU F 88 7.18 -29.71 9.82
C GLU F 88 6.94 -31.18 9.47
N LYS F 89 5.87 -31.46 8.73
CA LYS F 89 5.58 -32.82 8.33
C LYS F 89 6.70 -33.37 7.44
N GLU F 90 7.21 -32.55 6.52
CA GLU F 90 8.27 -33.00 5.63
C GLU F 90 9.55 -33.30 6.40
N LYS F 91 9.86 -32.48 7.41
CA LYS F 91 11.04 -32.76 8.23
C LYS F 91 10.86 -34.05 9.02
N LEU F 92 9.66 -34.28 9.55
CA LEU F 92 9.41 -35.51 10.30
C LEU F 92 9.44 -36.72 9.38
N LEU F 93 8.93 -36.59 8.15
CA LEU F 93 8.94 -37.69 7.21
C LEU F 93 10.36 -37.99 6.72
N LYS F 94 11.20 -36.96 6.62
CA LYS F 94 12.60 -37.17 6.27
C LYS F 94 13.33 -37.93 7.38
N GLU F 95 13.09 -37.55 8.64
CA GLU F 95 13.71 -38.25 9.76
C GLU F 95 13.25 -39.70 9.81
N LYS F 96 11.96 -39.94 9.57
CA LYS F 96 11.47 -41.32 9.55
C LYS F 96 12.13 -42.12 8.44
N GLY F 97 12.33 -41.50 7.27
CA GLY F 97 13.02 -42.18 6.18
C GLY F 97 14.43 -42.58 6.55
N GLU F 98 15.17 -41.66 7.17
CA GLU F 98 16.53 -41.98 7.60
C GLU F 98 16.55 -43.07 8.67
N ASN F 99 15.53 -43.12 9.53
CA ASN F 99 15.45 -44.20 10.51
C ASN F 99 15.22 -45.55 9.82
N ASP F 100 14.26 -45.60 8.90
CA ASP F 100 13.99 -46.85 8.20
C ASP F 100 15.12 -47.25 7.28
N LYS F 101 15.81 -46.27 6.68
CA LYS F 101 16.93 -46.57 5.80
C LYS F 101 18.06 -47.26 6.56
N SER F 102 18.42 -46.73 7.72
CA SER F 102 19.48 -47.36 8.51
C SER F 102 19.02 -48.71 9.06
N LEU F 103 17.73 -48.88 9.31
CA LEU F 103 17.21 -50.16 9.76
C LEU F 103 17.29 -51.21 8.66
N HIS F 104 16.80 -50.87 7.46
CA HIS F 104 16.86 -51.81 6.34
C HIS F 104 18.31 -52.08 5.92
N LEU F 105 19.20 -51.09 6.08
CA LEU F 105 20.60 -51.30 5.76
C LEU F 105 21.24 -52.28 6.73
N LEU F 106 20.80 -52.28 7.99
CA LEU F 106 21.34 -53.21 8.97
C LEU F 106 20.90 -54.63 8.68
N LYS F 107 19.64 -54.82 8.29
CA LYS F 107 19.16 -56.16 7.97
C LYS F 107 19.84 -56.72 6.73
N LYS F 108 20.27 -55.85 5.81
CA LYS F 108 20.94 -56.30 4.60
C LYS F 108 22.36 -56.77 4.88
N GLN F 109 23.09 -56.03 5.72
CA GLN F 109 24.46 -56.42 6.06
C GLN F 109 24.48 -57.69 6.90
N LEU F 110 23.45 -57.92 7.70
CA LEU F 110 23.38 -59.10 8.55
C LEU F 110 22.81 -60.33 7.84
N SER F 111 22.34 -60.18 6.60
CA SER F 111 21.70 -61.28 5.91
C SER F 111 22.70 -62.41 5.63
N THR F 112 22.28 -63.64 5.91
CA THR F 112 23.11 -64.81 5.64
C THR F 112 22.44 -65.71 4.60
O1 P6G I . -5.51 -13.83 -0.90
C2 P6G I . -4.68 -14.34 0.13
C3 P6G I . -5.35 -15.45 0.87
O4 P6G I . -4.37 -16.30 1.46
C5 P6G I . -4.88 -17.58 1.80
C6 P6G I . -5.27 -18.32 0.57
O7 P6G I . -6.25 -19.32 0.85
C8 P6G I . -6.77 -19.92 -0.32
C9 P6G I . -7.21 -18.87 -1.28
O10 P6G I . -8.21 -19.34 -2.15
C11 P6G I . -8.23 -18.65 -3.39
C12 P6G I . -8.41 -17.19 -3.18
O13 P6G I . -9.70 -16.94 -2.63
C14 P6G I . -10.04 -15.55 -2.64
C15 P6G I . -11.14 -15.29 -1.66
O16 P6G I . -12.29 -16.06 -1.99
C17 P6G I . -13.23 -16.11 -0.92
C18 P6G I . -14.44 -16.88 -1.36
O19 P6G I . -15.58 -16.05 -1.42
#